data_3CVR
#
_entry.id   3CVR
#
_cell.length_a   154.190
_cell.length_b   154.190
_cell.length_c   85.870
_cell.angle_alpha   90.00
_cell.angle_beta   90.00
_cell.angle_gamma   90.00
#
_symmetry.space_group_name_H-M   'P 41 21 2'
#
loop_
_entity.id
_entity.type
_entity.pdbx_description
1 polymer 'Invasion plasmid antigen'
2 water water
#
_entity_poly.entity_id   1
_entity_poly.type   'polypeptide(L)'
_entity_poly.pdbx_seq_one_letter_code
;(MSE)SI(MSE)LPINNNFSLSQNSFYNTISGTYADYFSAWDKWEKQALPGENRNEAVSLLKECLINQFSELQLNRLNLS
SLPDNLPPQITVLEITQNALISLPELPASLEYLDACDNRLSTLPELPASLKHLDVDNNQLT(MSE)LPELPALLEYINAD
NNQLT(MSE)LPELPTSLEVLSVRNNQLTFLPELPESLEALDVSTNLLESLPAVPVRNHHSEETEIFFRCRENRITHIPE
NILSLDPTCTIILEDNPLSSRIRESLSQQTAQPDYHGPRIYFS(MSE)SDGQQNTLHRPLADAVTAWFPENKQSDVSQIW
HAFEHEEHANTFSAFLDRLSDTVSARNTSGFREQVAAWLEKLSASAELRQQSFAVAADATESCEDRVALTWNNLRKTLLV
HQASEGLFDNDTGALLSLGRE(MSE)FRLEILEDIARDKVRTLHFVDEIEVYLAFQT(MSE)LAEKLQLSTAVKE(MSE)
RFYGVSGVTANDLRTAEA(MSE)VRSREENEFTDWFSLWGPWHAVLKRTEADRWALAEEQKYE(MSE)LENEYPQRVADR
LKASGLSGDADAEREAGAQV(MSE)RETEQQIYRQLTDEVLALRLPENGSQLHHS
;
_entity_poly.pdbx_strand_id   A
#
# COMPACT_ATOMS: atom_id res chain seq x y z
N THR A 25 40.20 37.71 -15.50
CA THR A 25 40.14 38.96 -14.69
C THR A 25 38.86 39.05 -13.85
N TYR A 26 39.03 39.53 -12.61
CA TYR A 26 37.95 39.80 -11.68
C TYR A 26 36.95 40.85 -12.23
N ALA A 27 37.44 41.70 -13.13
CA ALA A 27 36.58 42.70 -13.78
C ALA A 27 35.43 42.09 -14.58
N ASP A 28 35.66 40.91 -15.16
CA ASP A 28 34.61 40.21 -15.89
C ASP A 28 33.48 39.83 -14.95
N TYR A 29 33.84 39.31 -13.77
CA TYR A 29 32.87 38.98 -12.73
C TYR A 29 32.10 40.21 -12.26
N PHE A 30 32.82 41.31 -11.99
CA PHE A 30 32.20 42.54 -11.48
C PHE A 30 31.23 43.16 -12.48
N SER A 31 31.62 43.18 -13.74
CA SER A 31 30.77 43.73 -14.80
C SER A 31 29.49 42.93 -15.01
N ALA A 32 29.62 41.61 -15.04
CA ALA A 32 28.47 40.72 -15.19
C ALA A 32 27.51 40.88 -14.02
N TRP A 33 28.06 40.88 -12.81
CA TRP A 33 27.27 41.05 -11.60
C TRP A 33 26.53 42.40 -11.55
N ASP A 34 27.22 43.48 -11.90
CA ASP A 34 26.59 44.79 -11.96
C ASP A 34 25.43 44.83 -12.96
N LYS A 35 25.58 44.12 -14.07
CA LYS A 35 24.51 44.06 -15.09
C LYS A 35 23.30 43.34 -14.52
N TRP A 36 23.57 42.25 -13.81
CA TRP A 36 22.55 41.45 -13.18
C TRP A 36 21.79 42.22 -12.09
N GLU A 37 22.48 43.08 -11.34
CA GLU A 37 21.86 43.83 -10.24
C GLU A 37 20.62 44.60 -10.68
N LYS A 38 20.67 45.14 -11.90
CA LYS A 38 19.65 46.05 -12.39
C LYS A 38 18.39 45.35 -12.91
N GLN A 39 18.36 44.03 -12.92
CA GLN A 39 17.12 43.33 -13.26
C GLN A 39 16.41 42.77 -12.01
N ALA A 40 16.62 43.42 -10.88
CA ALA A 40 15.97 43.06 -9.62
C ALA A 40 14.51 43.51 -9.56
N LEU A 41 13.64 42.60 -9.13
CA LEU A 41 12.25 42.92 -8.84
C LEU A 41 12.21 43.87 -7.64
N PRO A 42 11.15 44.68 -7.50
CA PRO A 42 11.16 45.71 -6.46
C PRO A 42 11.55 45.27 -5.05
N GLY A 43 11.13 44.07 -4.62
CA GLY A 43 11.44 43.62 -3.26
C GLY A 43 12.73 42.82 -3.10
N GLU A 44 13.60 42.89 -4.11
CA GLU A 44 14.75 41.98 -4.25
C GLU A 44 16.08 42.71 -4.09
N ASN A 45 16.83 42.34 -3.06
CA ASN A 45 18.07 43.01 -2.70
C ASN A 45 19.29 42.43 -3.42
N ARG A 46 19.29 42.57 -4.74
CA ARG A 46 20.43 42.16 -5.57
C ARG A 46 21.64 43.04 -5.30
N ASN A 47 21.40 44.25 -4.80
CA ASN A 47 22.47 45.16 -4.43
C ASN A 47 23.35 44.63 -3.30
N GLU A 48 22.73 44.10 -2.25
CA GLU A 48 23.47 43.44 -1.18
C GLU A 48 24.12 42.15 -1.71
N ALA A 49 23.41 41.44 -2.59
CA ALA A 49 23.97 40.27 -3.24
C ALA A 49 25.30 40.58 -3.95
N VAL A 50 25.33 41.65 -4.74
CA VAL A 50 26.57 42.04 -5.43
C VAL A 50 27.72 42.39 -4.45
N SER A 51 27.40 43.11 -3.38
CA SER A 51 28.36 43.36 -2.31
C SER A 51 28.93 42.06 -1.77
N LEU A 52 28.05 41.11 -1.46
CA LEU A 52 28.50 39.84 -0.93
C LEU A 52 29.33 39.07 -1.95
N LEU A 53 28.85 39.01 -3.19
CA LEU A 53 29.57 38.36 -4.27
C LEU A 53 30.98 38.95 -4.42
N LYS A 54 31.08 40.27 -4.50
CA LYS A 54 32.35 40.96 -4.65
C LYS A 54 33.28 40.71 -3.46
N GLU A 55 32.75 40.87 -2.26
CA GLU A 55 33.53 40.61 -1.06
C GLU A 55 34.12 39.20 -1.13
N CYS A 56 33.27 38.24 -1.49
CA CYS A 56 33.66 36.84 -1.55
C CYS A 56 34.82 36.60 -2.52
N LEU A 57 34.71 37.15 -3.74
CA LEU A 57 35.75 36.98 -4.73
C LEU A 57 37.04 37.70 -4.33
N ILE A 58 36.94 39.02 -4.09
CA ILE A 58 38.08 39.84 -3.71
C ILE A 58 38.95 39.14 -2.66
N ASN A 59 38.31 38.66 -1.60
CA ASN A 59 39.03 38.06 -0.47
C ASN A 59 39.29 36.58 -0.65
N GLN A 60 38.82 36.02 -1.77
CA GLN A 60 38.86 34.58 -2.00
C GLN A 60 38.35 33.79 -0.78
N PHE A 61 37.19 34.20 -0.25
CA PHE A 61 36.58 33.46 0.86
C PHE A 61 36.07 32.11 0.37
N SER A 62 35.95 31.18 1.30
CA SER A 62 35.43 29.84 0.99
C SER A 62 33.92 29.75 1.21
N GLU A 63 33.37 30.73 1.90
CA GLU A 63 31.94 30.77 2.23
C GLU A 63 31.27 31.94 1.54
N LEU A 64 30.10 31.69 0.99
CA LEU A 64 29.25 32.75 0.46
C LEU A 64 27.84 32.50 0.96
N GLN A 65 27.25 33.55 1.52
CA GLN A 65 25.90 33.47 2.07
C GLN A 65 25.06 34.53 1.40
N LEU A 66 24.04 34.09 0.66
CA LEU A 66 23.06 34.98 0.08
C LEU A 66 21.69 34.60 0.61
N ASN A 67 21.55 34.69 1.93
CA ASN A 67 20.32 34.33 2.63
C ASN A 67 19.34 35.49 2.73
N ARG A 68 18.05 35.20 2.66
CA ARG A 68 16.96 36.15 2.93
C ARG A 68 17.05 37.45 2.13
N LEU A 69 17.29 37.34 0.83
CA LEU A 69 17.42 38.54 -0.01
C LEU A 69 16.36 38.61 -1.11
N ASN A 70 15.38 37.70 -1.07
CA ASN A 70 14.29 37.61 -2.05
C ASN A 70 14.81 37.53 -3.49
N LEU A 71 15.92 36.81 -3.66
CA LEU A 71 16.53 36.64 -4.97
C LEU A 71 15.60 35.82 -5.84
N SER A 72 15.35 36.31 -7.05
CA SER A 72 14.51 35.58 -7.99
C SER A 72 15.38 34.82 -8.97
N SER A 73 16.66 35.15 -8.98
CA SER A 73 17.68 34.36 -9.69
C SER A 73 19.05 34.60 -9.07
N LEU A 74 20.04 33.91 -9.59
CA LEU A 74 21.43 34.12 -9.24
C LEU A 74 22.17 34.48 -10.52
N PRO A 75 23.33 35.15 -10.40
CA PRO A 75 24.11 35.41 -11.60
C PRO A 75 24.66 34.09 -12.17
N ASP A 76 24.93 34.08 -13.48
CA ASP A 76 25.39 32.87 -14.13
C ASP A 76 26.73 32.38 -13.57
N ASN A 77 27.61 33.30 -13.17
CA ASN A 77 28.90 32.91 -12.62
C ASN A 77 29.05 33.26 -11.16
N LEU A 78 29.38 32.25 -10.37
CA LEU A 78 29.54 32.40 -8.94
C LEU A 78 31.03 32.29 -8.65
N PRO A 79 31.50 32.89 -7.54
CA PRO A 79 32.92 32.77 -7.23
C PRO A 79 33.38 31.31 -7.35
N PRO A 80 34.39 31.06 -8.19
CA PRO A 80 34.72 29.66 -8.50
C PRO A 80 35.42 28.87 -7.38
N GLN A 81 35.87 29.56 -6.34
CA GLN A 81 36.71 28.92 -5.32
C GLN A 81 35.95 28.59 -4.05
N ILE A 82 34.68 29.01 -3.98
CA ILE A 82 33.91 28.82 -2.76
C ILE A 82 33.72 27.34 -2.46
N THR A 83 33.74 27.03 -1.17
CA THR A 83 33.65 25.67 -0.74
C THR A 83 32.30 25.44 -0.03
N VAL A 84 31.61 26.54 0.27
CA VAL A 84 30.37 26.54 1.04
C VAL A 84 29.43 27.61 0.47
N LEU A 85 28.21 27.21 0.11
CA LEU A 85 27.24 28.12 -0.50
C LEU A 85 25.91 28.07 0.22
N GLU A 86 25.48 29.22 0.72
CA GLU A 86 24.19 29.34 1.38
C GLU A 86 23.33 30.30 0.59
N ILE A 87 22.20 29.82 0.07
CA ILE A 87 21.30 30.64 -0.74
C ILE A 87 19.87 30.42 -0.25
N THR A 88 19.78 30.27 1.06
CA THR A 88 18.56 30.00 1.80
C THR A 88 17.54 31.14 1.72
N GLN A 89 16.26 30.77 1.65
CA GLN A 89 15.13 31.69 1.79
C GLN A 89 15.01 32.78 0.70
N ASN A 90 15.14 32.38 -0.56
CA ASN A 90 14.85 33.29 -1.67
C ASN A 90 13.71 32.74 -2.53
N ALA A 91 13.57 33.23 -3.76
CA ALA A 91 12.56 32.72 -4.69
C ALA A 91 13.22 32.10 -5.92
N LEU A 92 14.32 31.40 -5.69
CA LEU A 92 15.07 30.78 -6.78
C LEU A 92 14.31 29.64 -7.42
N ILE A 93 14.20 29.70 -8.75
CA ILE A 93 13.50 28.66 -9.49
C ILE A 93 14.51 27.65 -10.04
N SER A 94 15.71 28.12 -10.32
CA SER A 94 16.82 27.22 -10.63
C SER A 94 18.16 27.86 -10.23
N LEU A 95 19.21 27.05 -10.22
CA LEU A 95 20.53 27.50 -9.84
C LEU A 95 21.47 27.51 -11.03
N PRO A 96 22.49 28.38 -11.00
CA PRO A 96 23.45 28.39 -12.07
C PRO A 96 24.46 27.24 -11.89
N GLU A 97 25.38 27.10 -12.85
CA GLU A 97 26.47 26.12 -12.76
C GLU A 97 27.22 26.33 -11.44
N LEU A 98 27.20 25.33 -10.57
CA LEU A 98 27.79 25.40 -9.25
C LEU A 98 29.31 25.30 -9.33
N PRO A 99 30.02 25.97 -8.41
CA PRO A 99 31.49 25.94 -8.41
C PRO A 99 32.04 24.52 -8.21
N ALA A 100 33.13 24.21 -8.91
CA ALA A 100 33.62 22.83 -9.06
C ALA A 100 34.09 22.14 -7.77
N SER A 101 34.44 22.93 -6.75
CA SER A 101 34.94 22.34 -5.49
C SER A 101 34.00 22.51 -4.30
N LEU A 102 32.75 22.87 -4.58
CA LEU A 102 31.71 23.09 -3.58
C LEU A 102 31.55 21.84 -2.72
N GLU A 103 31.52 22.03 -1.40
CA GLU A 103 31.41 20.90 -0.49
C GLU A 103 30.08 20.90 0.24
N TYR A 104 29.42 22.05 0.25
CA TYR A 104 28.28 22.29 1.11
C TYR A 104 27.30 23.24 0.42
N LEU A 105 26.10 22.76 0.20
CA LEU A 105 25.05 23.54 -0.46
C LEU A 105 23.80 23.57 0.40
N ASP A 106 23.41 24.75 0.86
CA ASP A 106 22.11 24.92 1.48
C ASP A 106 21.27 25.82 0.57
N ALA A 107 20.29 25.22 -0.08
CA ALA A 107 19.42 25.95 -0.98
C ALA A 107 17.99 25.77 -0.55
N CYS A 108 17.78 25.58 0.74
CA CYS A 108 16.46 25.29 1.24
C CYS A 108 15.60 26.55 1.21
N ASP A 109 14.28 26.37 1.18
CA ASP A 109 13.33 27.48 1.14
C ASP A 109 13.44 28.33 -0.13
N ASN A 110 13.42 27.67 -1.28
CA ASN A 110 13.25 28.40 -2.52
C ASN A 110 12.07 27.82 -3.29
N ARG A 111 12.15 27.83 -4.62
CA ARG A 111 11.11 27.27 -5.48
C ARG A 111 11.79 26.44 -6.55
N LEU A 112 12.92 25.85 -6.19
CA LEU A 112 13.74 25.11 -7.14
C LEU A 112 12.93 24.03 -7.84
N SER A 113 12.93 24.03 -9.17
CA SER A 113 12.23 23.00 -9.92
C SER A 113 13.20 21.97 -10.52
N THR A 114 14.46 22.38 -10.70
CA THR A 114 15.51 21.43 -11.06
C THR A 114 16.80 21.84 -10.36
N LEU A 115 17.79 20.95 -10.41
CA LEU A 115 19.10 21.23 -9.87
C LEU A 115 20.12 21.06 -10.97
N PRO A 116 21.23 21.81 -10.91
CA PRO A 116 22.30 21.61 -11.87
C PRO A 116 23.16 20.41 -11.47
N GLU A 117 24.05 20.00 -12.35
CA GLU A 117 25.04 18.98 -12.02
C GLU A 117 25.64 19.33 -10.67
N LEU A 118 25.73 18.34 -9.78
CA LEU A 118 26.34 18.56 -8.48
C LEU A 118 27.84 18.21 -8.55
N PRO A 119 28.72 19.16 -8.18
CA PRO A 119 30.17 18.93 -8.19
C PRO A 119 30.58 17.74 -7.33
N ALA A 120 31.61 17.02 -7.79
CA ALA A 120 32.04 15.74 -7.23
C ALA A 120 32.43 15.84 -5.74
N SER A 121 32.78 17.04 -5.31
CA SER A 121 33.23 17.26 -3.95
C SER A 121 32.11 17.43 -2.92
N LEU A 122 30.86 17.55 -3.38
CA LEU A 122 29.72 17.75 -2.48
C LEU A 122 29.68 16.76 -1.33
N LYS A 123 29.67 17.30 -0.11
CA LYS A 123 29.55 16.46 1.08
C LYS A 123 28.15 16.58 1.66
N HIS A 124 27.56 17.76 1.52
CA HIS A 124 26.32 18.11 2.19
C HIS A 124 25.40 18.81 1.19
N LEU A 125 24.21 18.25 1.00
CA LEU A 125 23.23 18.81 0.07
C LEU A 125 21.92 19.01 0.83
N ASP A 126 21.57 20.26 1.10
CA ASP A 126 20.28 20.57 1.71
C ASP A 126 19.44 21.36 0.75
N VAL A 127 18.30 20.79 0.42
CA VAL A 127 17.46 21.27 -0.66
C VAL A 127 16.01 21.16 -0.19
N ASP A 128 15.86 21.13 1.14
CA ASP A 128 14.56 21.13 1.81
C ASP A 128 13.67 22.24 1.26
N ASN A 129 12.39 21.92 1.13
CA ASN A 129 11.36 22.94 0.92
C ASN A 129 11.56 23.67 -0.41
N ASN A 130 11.46 22.92 -1.50
CA ASN A 130 11.50 23.44 -2.85
C ASN A 130 10.41 22.75 -3.66
N GLN A 131 10.50 22.78 -4.99
CA GLN A 131 9.49 22.11 -5.84
C GLN A 131 10.15 21.02 -6.69
N LEU A 132 11.00 20.20 -6.09
CA LEU A 132 11.76 19.25 -6.89
C LEU A 132 10.98 17.99 -7.17
N THR A 133 10.90 17.63 -8.46
CA THR A 133 10.23 16.39 -8.84
C THR A 133 11.24 15.26 -8.94
N MSE A 134 12.50 15.58 -9.24
CA MSE A 134 13.57 14.60 -9.24
C MSE A 134 14.88 15.14 -8.68
O MSE A 134 15.01 16.34 -8.43
CB MSE A 134 13.79 14.03 -10.63
CG MSE A 134 14.32 15.02 -11.63
SE MSE A 134 14.52 14.17 -13.38
CE MSE A 134 16.28 13.34 -13.11
N LEU A 135 15.85 14.26 -8.47
CA LEU A 135 17.20 14.66 -8.12
C LEU A 135 18.14 14.20 -9.22
N PRO A 136 19.21 14.97 -9.48
CA PRO A 136 20.22 14.56 -10.44
C PRO A 136 21.11 13.45 -9.85
N GLU A 137 22.05 12.96 -10.65
CA GLU A 137 23.04 11.99 -10.17
C GLU A 137 23.72 12.51 -8.89
N LEU A 138 23.82 11.63 -7.91
CA LEU A 138 24.41 11.98 -6.62
C LEU A 138 25.85 11.50 -6.58
N PRO A 139 26.81 12.45 -6.49
CA PRO A 139 28.24 12.16 -6.45
C PRO A 139 28.68 11.35 -5.22
N ALA A 140 29.86 10.72 -5.34
CA ALA A 140 30.34 9.68 -4.43
C ALA A 140 30.64 10.11 -2.99
N LEU A 141 31.02 11.36 -2.80
CA LEU A 141 31.46 11.81 -1.48
C LEU A 141 30.32 12.39 -0.61
N LEU A 142 29.08 12.31 -1.10
CA LEU A 142 27.95 12.87 -0.37
C LEU A 142 27.70 12.17 0.94
N GLU A 143 27.63 12.94 2.02
CA GLU A 143 27.46 12.39 3.36
C GLU A 143 26.11 12.71 3.97
N TYR A 144 25.50 13.81 3.53
CA TYR A 144 24.19 14.21 4.02
C TYR A 144 23.35 14.72 2.87
N ILE A 145 22.14 14.19 2.72
CA ILE A 145 21.20 14.71 1.75
C ILE A 145 19.85 14.97 2.40
N ASN A 146 19.40 16.22 2.35
CA ASN A 146 18.06 16.57 2.78
C ASN A 146 17.27 17.11 1.60
N ALA A 147 16.19 16.41 1.25
CA ALA A 147 15.26 16.89 0.25
C ALA A 147 13.84 16.81 0.77
N ASP A 148 13.66 17.12 2.06
CA ASP A 148 12.34 17.20 2.68
C ASP A 148 11.47 18.15 1.90
N ASN A 149 10.16 17.92 1.92
CA ASN A 149 9.19 18.87 1.39
C ASN A 149 9.48 19.24 -0.05
N ASN A 150 9.45 18.23 -0.90
CA ASN A 150 9.52 18.43 -2.32
C ASN A 150 8.41 17.58 -2.94
N GLN A 151 8.55 17.24 -4.21
CA GLN A 151 7.57 16.39 -4.87
C GLN A 151 8.24 15.17 -5.51
N LEU A 152 9.29 14.66 -4.88
CA LEU A 152 10.02 13.50 -5.43
C LEU A 152 9.16 12.24 -5.45
N THR A 153 9.28 11.49 -6.53
CA THR A 153 8.56 10.24 -6.68
C THR A 153 9.57 9.11 -6.73
N MSE A 154 10.84 9.48 -6.60
CA MSE A 154 11.95 8.56 -6.87
C MSE A 154 13.26 9.21 -6.44
O MSE A 154 13.43 10.43 -6.46
CB MSE A 154 11.97 8.25 -8.37
CG MSE A 154 12.95 7.22 -8.77
SE MSE A 154 13.04 7.22 -10.71
CE MSE A 154 14.81 6.36 -10.87
N LEU A 155 14.21 8.37 -6.04
CA LEU A 155 15.54 8.80 -5.67
C LEU A 155 16.52 8.16 -6.63
N PRO A 156 17.57 8.90 -6.99
CA PRO A 156 18.61 8.26 -7.78
C PRO A 156 19.40 7.27 -6.92
N GLU A 157 20.25 6.49 -7.58
CA GLU A 157 21.22 5.62 -6.90
C GLU A 157 22.00 6.41 -5.84
N LEU A 158 21.99 5.91 -4.61
CA LEU A 158 22.57 6.62 -3.47
C LEU A 158 24.08 6.40 -3.37
N PRO A 159 24.83 7.47 -3.04
CA PRO A 159 26.29 7.36 -2.98
C PRO A 159 26.74 6.43 -1.88
N THR A 160 27.93 5.86 -2.06
CA THR A 160 28.38 4.72 -1.24
C THR A 160 28.91 5.11 0.15
N SER A 161 29.02 6.42 0.41
CA SER A 161 29.41 6.88 1.73
C SER A 161 28.37 7.82 2.36
N LEU A 162 27.14 7.73 1.87
CA LEU A 162 26.02 8.49 2.43
C LEU A 162 25.75 8.06 3.86
N GLU A 163 25.63 9.04 4.75
CA GLU A 163 25.44 8.75 6.17
C GLU A 163 24.02 9.03 6.61
N VAL A 164 23.43 10.10 6.07
CA VAL A 164 22.10 10.54 6.48
C VAL A 164 21.28 10.96 5.27
N LEU A 165 20.08 10.39 5.16
CA LEU A 165 19.21 10.72 4.06
C LEU A 165 17.86 11.09 4.65
N SER A 166 17.55 12.38 4.60
CA SER A 166 16.28 12.89 5.10
C SER A 166 15.48 13.34 3.91
N VAL A 167 14.27 12.83 3.80
CA VAL A 167 13.55 12.93 2.56
C VAL A 167 12.04 13.01 2.85
N ARG A 168 11.72 13.41 4.08
CA ARG A 168 10.34 13.41 4.56
C ARG A 168 9.43 14.30 3.76
N ASN A 169 8.14 14.00 3.81
CA ASN A 169 7.09 14.74 3.11
C ASN A 169 7.36 14.89 1.59
N ASN A 170 7.59 13.76 0.94
CA ASN A 170 7.55 13.70 -0.52
C ASN A 170 6.45 12.75 -0.97
N GLN A 171 6.70 12.04 -2.06
CA GLN A 171 5.71 11.16 -2.65
C GLN A 171 6.38 9.90 -3.18
N LEU A 172 7.28 9.37 -2.38
CA LEU A 172 8.03 8.18 -2.74
C LEU A 172 7.21 6.93 -2.44
N THR A 173 7.39 5.91 -3.28
CA THR A 173 6.72 4.63 -3.06
C THR A 173 7.77 3.52 -3.02
N PHE A 174 9.04 3.91 -3.09
CA PHE A 174 10.13 2.95 -2.99
C PHE A 174 11.48 3.66 -2.94
N LEU A 175 12.39 3.10 -2.14
CA LEU A 175 13.75 3.59 -2.04
C LEU A 175 14.71 2.74 -2.86
N PRO A 176 15.86 3.29 -3.26
CA PRO A 176 16.84 2.39 -3.86
C PRO A 176 17.66 1.71 -2.77
N GLU A 177 18.59 0.85 -3.20
CA GLU A 177 19.50 0.17 -2.28
C GLU A 177 20.11 1.18 -1.30
N LEU A 178 19.92 0.93 -0.01
CA LEU A 178 20.50 1.75 1.03
C LEU A 178 21.97 1.37 1.20
N PRO A 179 22.87 2.35 1.26
CA PRO A 179 24.30 2.04 1.35
C PRO A 179 24.69 1.59 2.77
N GLU A 180 25.79 0.87 2.88
CA GLU A 180 26.19 0.27 4.17
C GLU A 180 26.54 1.31 5.24
N SER A 181 26.93 2.50 4.78
CA SER A 181 27.33 3.58 5.68
C SER A 181 26.15 4.38 6.24
N LEU A 182 24.96 4.16 5.68
CA LEU A 182 23.75 4.87 6.08
C LEU A 182 23.53 4.68 7.56
N GLU A 183 23.16 5.75 8.26
CA GLU A 183 23.02 5.70 9.71
C GLU A 183 21.70 6.29 10.17
N ALA A 184 21.04 7.01 9.29
CA ALA A 184 19.71 7.55 9.57
C ALA A 184 18.95 7.71 8.28
N LEU A 185 17.71 7.26 8.29
CA LEU A 185 16.83 7.36 7.15
C LEU A 185 15.51 7.94 7.61
N ASP A 186 15.20 9.14 7.14
CA ASP A 186 13.92 9.78 7.42
C ASP A 186 13.07 9.81 6.15
N VAL A 187 12.06 8.93 6.12
CA VAL A 187 11.13 8.91 5.00
C VAL A 187 9.71 9.20 5.46
N SER A 188 9.59 9.92 6.57
CA SER A 188 8.28 10.29 7.13
C SER A 188 7.37 10.95 6.10
N THR A 189 6.06 10.73 6.25
CA THR A 189 5.07 11.32 5.35
C THR A 189 5.45 11.07 3.88
N ASN A 190 5.53 9.79 3.51
CA ASN A 190 5.67 9.38 2.13
C ASN A 190 4.62 8.31 1.79
N LEU A 191 4.74 7.67 0.63
CA LEU A 191 3.74 6.69 0.19
C LEU A 191 4.30 5.26 0.14
N LEU A 192 5.22 4.94 1.06
CA LEU A 192 5.88 3.64 1.06
C LEU A 192 4.89 2.56 1.46
N GLU A 193 4.83 1.50 0.67
CA GLU A 193 3.88 0.42 0.88
C GLU A 193 4.44 -0.70 1.76
N SER A 194 5.77 -0.66 1.95
CA SER A 194 6.48 -1.65 2.75
C SER A 194 7.74 -1.06 3.35
N LEU A 195 8.21 -1.67 4.44
CA LEU A 195 9.41 -1.22 5.15
C LEU A 195 10.66 -1.30 4.27
N PRO A 196 11.52 -0.27 4.31
CA PRO A 196 12.79 -0.32 3.60
C PRO A 196 13.67 -1.48 4.07
N ALA A 197 14.29 -2.15 3.12
CA ALA A 197 15.27 -3.19 3.38
C ALA A 197 16.50 -2.61 4.08
N VAL A 198 16.88 -3.23 5.18
CA VAL A 198 18.07 -2.80 5.92
C VAL A 198 19.35 -3.13 5.15
N PRO A 199 20.32 -2.20 5.14
CA PRO A 199 21.63 -2.49 4.53
C PRO A 199 22.49 -3.32 5.46
N THR A 208 27.89 0.33 15.39
CA THR A 208 27.24 1.43 14.68
C THR A 208 25.71 1.23 14.57
N GLU A 209 24.97 2.22 15.07
CA GLU A 209 23.50 2.20 15.06
C GLU A 209 22.90 2.58 13.71
N ILE A 210 21.72 2.02 13.41
CA ILE A 210 20.94 2.45 12.23
C ILE A 210 19.49 2.82 12.56
N PHE A 211 19.04 3.94 12.01
CA PHE A 211 17.78 4.56 12.38
C PHE A 211 16.86 4.72 11.17
N PHE A 212 15.64 4.19 11.25
CA PHE A 212 14.63 4.31 10.19
C PHE A 212 13.40 5.06 10.68
N ARG A 213 13.24 6.31 10.28
CA ARG A 213 12.04 7.06 10.62
C ARG A 213 11.04 6.84 9.48
N CYS A 214 9.99 6.06 9.74
CA CYS A 214 9.04 5.67 8.69
C CYS A 214 7.60 6.04 9.01
N ARG A 215 7.39 6.96 9.94
CA ARG A 215 6.04 7.36 10.34
C ARG A 215 5.25 7.90 9.14
N GLU A 216 3.92 7.85 9.25
CA GLU A 216 3.01 8.42 8.26
C GLU A 216 3.27 7.99 6.82
N ASN A 217 3.44 6.69 6.62
CA ASN A 217 3.53 6.13 5.29
C ASN A 217 2.30 5.27 5.01
N ARG A 218 2.42 4.30 4.10
CA ARG A 218 1.34 3.35 3.85
C ARG A 218 1.83 1.89 4.04
N ILE A 219 2.66 1.70 5.05
CA ILE A 219 3.17 0.38 5.40
C ILE A 219 2.01 -0.40 6.03
N THR A 220 1.60 -1.47 5.37
CA THR A 220 0.45 -2.26 5.82
C THR A 220 0.88 -3.49 6.59
N HIS A 221 2.17 -3.82 6.49
CA HIS A 221 2.74 -4.98 7.16
C HIS A 221 4.25 -4.84 7.28
N ILE A 222 4.82 -5.56 8.23
CA ILE A 222 6.28 -5.63 8.38
C ILE A 222 6.76 -7.06 8.12
N PRO A 223 8.06 -7.25 7.84
CA PRO A 223 8.53 -8.62 7.65
C PRO A 223 8.59 -9.37 8.98
N GLU A 224 8.54 -10.71 8.92
CA GLU A 224 8.62 -11.55 10.12
C GLU A 224 10.02 -11.56 10.73
N ASN A 225 11.04 -11.54 9.87
CA ASN A 225 12.45 -11.54 10.28
C ASN A 225 12.83 -10.29 11.08
N ILE A 226 11.90 -9.33 11.12
CA ILE A 226 12.14 -8.00 11.69
C ILE A 226 12.71 -8.03 13.11
N LEU A 227 12.23 -8.94 13.95
CA LEU A 227 12.65 -8.95 15.34
C LEU A 227 14.05 -9.54 15.54
N SER A 228 14.59 -10.18 14.50
CA SER A 228 15.94 -10.73 14.58
C SER A 228 17.00 -9.74 14.09
N LEU A 229 16.63 -8.48 13.97
CA LEU A 229 17.57 -7.40 13.73
C LEU A 229 18.22 -7.02 15.07
N ASP A 230 19.48 -6.58 15.02
CA ASP A 230 20.24 -6.25 16.23
C ASP A 230 19.77 -4.94 16.88
N PRO A 231 19.83 -4.86 18.23
CA PRO A 231 19.24 -3.74 18.99
C PRO A 231 19.94 -2.39 18.79
N THR A 232 20.98 -2.36 17.97
CA THR A 232 21.58 -1.10 17.56
C THR A 232 20.70 -0.43 16.52
N CYS A 233 19.83 -1.22 15.91
CA CYS A 233 18.89 -0.75 14.92
C CYS A 233 17.57 -0.33 15.57
N THR A 234 17.08 0.86 15.18
CA THR A 234 15.82 1.41 15.72
C THR A 234 14.89 1.95 14.64
N ILE A 235 13.63 1.52 14.67
CA ILE A 235 12.63 1.75 13.63
C ILE A 235 11.43 2.50 14.23
N ILE A 236 10.96 3.53 13.54
CA ILE A 236 9.73 4.22 13.95
C ILE A 236 8.62 3.91 12.95
N LEU A 237 7.52 3.35 13.44
CA LEU A 237 6.42 2.94 12.57
C LEU A 237 5.11 3.62 12.94
N GLU A 238 5.16 4.50 13.93
CA GLU A 238 3.97 5.22 14.40
C GLU A 238 3.15 5.76 13.23
N ASP A 239 1.83 5.63 13.34
CA ASP A 239 0.87 6.11 12.32
C ASP A 239 1.07 5.51 10.92
N ASN A 240 0.81 4.21 10.82
CA ASN A 240 0.74 3.54 9.53
C ASN A 240 -0.52 2.68 9.50
N PRO A 241 -1.04 2.37 8.29
CA PRO A 241 -2.24 1.51 8.19
C PRO A 241 -2.02 0.07 8.66
N LEU A 242 -1.06 -0.14 9.54
CA LEU A 242 -0.88 -1.44 10.21
C LEU A 242 -2.10 -1.77 11.05
N SER A 243 -2.66 -2.97 10.83
CA SER A 243 -3.84 -3.42 11.58
C SER A 243 -3.53 -3.62 13.06
N SER A 244 -4.57 -3.45 13.89
CA SER A 244 -4.45 -3.65 15.33
C SER A 244 -4.05 -5.07 15.72
N ARG A 245 -4.36 -6.05 14.89
CA ARG A 245 -3.87 -7.41 15.13
C ARG A 245 -2.34 -7.45 14.98
N ILE A 246 -1.84 -6.84 13.91
CA ILE A 246 -0.38 -6.73 13.69
C ILE A 246 0.27 -5.94 14.81
N ARG A 247 -0.31 -4.79 15.16
CA ARG A 247 0.20 -3.93 16.23
C ARG A 247 0.25 -4.64 17.59
N GLU A 248 -0.85 -5.29 17.96
CA GLU A 248 -0.93 -6.01 19.24
C GLU A 248 0.04 -7.17 19.29
N SER A 249 0.28 -7.79 18.14
CA SER A 249 1.26 -8.86 18.08
C SER A 249 2.67 -8.34 18.30
N LEU A 250 2.95 -7.12 17.82
CA LEU A 250 4.24 -6.46 18.05
C LEU A 250 4.49 -6.18 19.53
N SER A 251 3.50 -5.55 20.18
CA SER A 251 3.57 -5.21 21.60
C SER A 251 3.81 -6.44 22.47
N GLN A 252 3.22 -7.55 22.06
CA GLN A 252 3.28 -8.81 22.80
C GLN A 252 4.72 -9.34 22.87
N GLN A 253 5.40 -9.43 21.73
CA GLN A 253 6.73 -10.03 21.71
C GLN A 253 7.90 -9.08 21.97
N THR A 254 7.66 -7.78 21.90
CA THR A 254 8.69 -6.80 22.29
C THR A 254 8.71 -6.63 23.81
N ALA A 255 7.60 -6.97 24.46
CA ALA A 255 7.51 -6.93 25.92
C ALA A 255 8.23 -8.13 26.56
N GLN A 256 8.03 -9.31 25.98
CA GLN A 256 8.66 -10.55 26.46
C GLN A 256 10.19 -10.46 26.38
N PRO A 257 10.90 -10.79 27.48
CA PRO A 257 12.36 -10.71 27.49
C PRO A 257 12.99 -11.89 26.73
N ASP A 258 13.90 -11.62 25.79
CA ASP A 258 14.33 -10.25 25.46
C ASP A 258 14.30 -9.99 23.95
N PRO A 262 15.95 -4.89 18.54
CA PRO A 262 15.57 -3.76 17.70
C PRO A 262 14.42 -2.95 18.29
N ARG A 263 14.67 -1.70 18.64
CA ARG A 263 13.61 -0.88 19.23
C ARG A 263 12.66 -0.42 18.14
N ILE A 264 11.37 -0.69 18.34
CA ILE A 264 10.35 -0.35 17.37
C ILE A 264 9.23 0.48 18.00
N TYR A 265 9.16 1.75 17.65
CA TYR A 265 8.09 2.62 18.09
C TYR A 265 6.90 2.50 17.14
N PHE A 266 5.73 2.18 17.70
CA PHE A 266 4.51 2.05 16.91
C PHE A 266 3.33 2.52 17.76
N SER A 267 2.21 2.82 17.10
CA SER A 267 1.00 3.26 17.80
C SER A 267 0.28 2.10 18.48
N MSE A 268 -0.21 2.33 19.69
CA MSE A 268 -1.01 1.34 20.43
C MSE A 268 -1.91 2.01 21.46
O MSE A 268 -2.63 2.95 21.14
CB MSE A 268 -0.10 0.30 21.11
N PRO A 279 -19.27 0.62 17.02
CA PRO A 279 -20.67 0.19 16.86
C PRO A 279 -21.64 1.37 16.80
N LEU A 280 -22.70 1.28 15.99
CA LEU A 280 -22.98 0.13 15.11
C LEU A 280 -23.45 0.58 13.73
N ALA A 281 -24.00 1.79 13.64
CA ALA A 281 -24.41 2.39 12.36
C ALA A 281 -23.27 3.18 11.72
N ASP A 282 -22.21 3.41 12.48
CA ASP A 282 -21.01 4.11 12.00
C ASP A 282 -20.21 3.24 11.06
N ALA A 283 -20.31 1.91 11.27
CA ALA A 283 -19.54 0.93 10.51
C ALA A 283 -19.99 0.79 9.06
N VAL A 284 -21.31 0.82 8.82
CA VAL A 284 -21.85 0.72 7.46
C VAL A 284 -21.64 2.02 6.67
N THR A 285 -21.79 3.16 7.35
CA THR A 285 -21.63 4.48 6.72
C THR A 285 -20.22 4.72 6.18
N ALA A 286 -19.23 4.24 6.93
CA ALA A 286 -17.80 4.46 6.63
C ALA A 286 -17.35 3.92 5.26
N TRP A 287 -18.15 3.02 4.68
CA TRP A 287 -17.85 2.42 3.39
C TRP A 287 -18.40 3.23 2.20
N PHE A 288 -19.19 4.25 2.50
CA PHE A 288 -19.77 5.14 1.50
C PHE A 288 -19.04 6.51 1.49
N PRO A 289 -19.42 7.42 0.57
CA PRO A 289 -20.46 7.34 -0.45
C PRO A 289 -19.95 6.72 -1.75
N ASP A 295 -29.87 9.53 2.44
CA ASP A 295 -28.75 9.02 3.21
C ASP A 295 -28.90 7.53 3.51
N VAL A 296 -27.77 6.80 3.48
CA VAL A 296 -27.75 5.37 3.75
C VAL A 296 -27.67 5.06 5.25
N SER A 297 -27.08 5.99 6.01
CA SER A 297 -26.93 5.84 7.46
C SER A 297 -28.27 5.77 8.20
N GLN A 298 -29.20 6.63 7.81
CA GLN A 298 -30.55 6.67 8.39
C GLN A 298 -31.39 5.45 8.01
N ILE A 299 -31.22 4.98 6.77
CA ILE A 299 -31.89 3.77 6.29
C ILE A 299 -31.37 2.52 7.00
N TRP A 300 -30.08 2.54 7.34
CA TRP A 300 -29.45 1.45 8.09
C TRP A 300 -29.71 1.52 9.59
N HIS A 301 -29.94 2.73 10.10
CA HIS A 301 -30.24 2.95 11.52
C HIS A 301 -31.42 2.11 12.02
N ALA A 302 -32.35 1.80 11.11
CA ALA A 302 -33.55 1.03 11.41
C ALA A 302 -33.25 -0.44 11.77
N PHE A 303 -32.10 -0.93 11.33
CA PHE A 303 -31.73 -2.33 11.57
C PHE A 303 -30.79 -2.47 12.77
N GLU A 304 -30.68 -1.42 13.57
CA GLU A 304 -29.80 -1.38 14.74
C GLU A 304 -30.15 -2.46 15.78
N HIS A 305 -31.44 -2.59 16.09
CA HIS A 305 -31.90 -3.53 17.11
C HIS A 305 -32.33 -4.87 16.52
N GLU A 306 -31.46 -5.43 15.69
CA GLU A 306 -31.68 -6.76 15.10
C GLU A 306 -30.67 -7.75 15.65
N GLU A 307 -31.01 -9.03 15.58
CA GLU A 307 -30.13 -10.11 16.05
C GLU A 307 -28.76 -10.03 15.38
N HIS A 308 -27.71 -10.23 16.16
CA HIS A 308 -26.31 -10.25 15.69
C HIS A 308 -25.84 -8.94 15.03
N ALA A 309 -26.51 -7.83 15.36
CA ALA A 309 -26.14 -6.54 14.81
C ALA A 309 -24.74 -6.13 15.24
N ASN A 310 -24.48 -6.25 16.55
CA ASN A 310 -23.18 -5.89 17.13
C ASN A 310 -22.03 -6.65 16.49
N THR A 311 -22.28 -7.92 16.15
CA THR A 311 -21.25 -8.79 15.58
C THR A 311 -20.95 -8.47 14.12
N PHE A 312 -21.93 -7.88 13.43
CA PHE A 312 -21.79 -7.50 12.02
C PHE A 312 -20.96 -6.22 11.86
N SER A 313 -21.13 -5.29 12.81
CA SER A 313 -20.31 -4.08 12.87
C SER A 313 -18.86 -4.41 13.23
N ALA A 314 -18.66 -5.52 13.94
CA ALA A 314 -17.32 -6.02 14.26
C ALA A 314 -16.63 -6.58 13.01
N PHE A 315 -17.39 -7.24 12.14
CA PHE A 315 -16.82 -7.77 10.90
C PHE A 315 -16.33 -6.65 10.00
N LEU A 316 -17.23 -5.69 9.72
CA LEU A 316 -16.96 -4.60 8.79
C LEU A 316 -15.70 -3.82 9.19
N ASP A 317 -15.59 -3.51 10.48
CA ASP A 317 -14.48 -2.73 11.00
C ASP A 317 -13.16 -3.49 10.96
N ARG A 318 -13.21 -4.80 11.19
CA ARG A 318 -12.03 -5.64 11.02
C ARG A 318 -11.67 -5.75 9.54
N LEU A 319 -12.70 -5.84 8.71
CA LEU A 319 -12.51 -5.86 7.26
C LEU A 319 -11.90 -4.54 6.78
N SER A 320 -12.37 -3.43 7.35
CA SER A 320 -11.86 -2.10 7.03
C SER A 320 -10.39 -1.96 7.42
N ASP A 321 -10.08 -2.34 8.66
CA ASP A 321 -8.73 -2.27 9.21
C ASP A 321 -7.69 -3.01 8.35
N THR A 322 -8.17 -3.86 7.45
CA THR A 322 -7.31 -4.76 6.67
C THR A 322 -7.15 -4.30 5.22
N VAL A 323 -7.96 -3.31 4.81
CA VAL A 323 -8.12 -2.97 3.40
C VAL A 323 -8.17 -1.45 3.13
N SER A 324 -8.33 -0.65 4.20
CA SER A 324 -8.68 0.77 4.10
C SER A 324 -7.66 1.68 3.41
N ALA A 325 -6.44 1.18 3.21
CA ALA A 325 -5.40 1.94 2.51
C ALA A 325 -5.50 1.82 0.99
N ARG A 326 -6.24 0.82 0.51
CA ARG A 326 -6.46 0.60 -0.92
C ARG A 326 -7.56 1.52 -1.44
N ASN A 327 -7.31 2.18 -2.57
CA ASN A 327 -8.06 3.38 -2.93
C ASN A 327 -9.32 3.43 -3.83
N THR A 328 -9.38 2.92 -5.07
CA THR A 328 -8.52 1.94 -5.80
C THR A 328 -7.53 1.03 -5.07
N SER A 329 -7.95 -0.16 -4.63
CA SER A 329 -9.27 -0.80 -4.82
C SER A 329 -10.55 0.09 -4.67
N GLY A 330 -11.62 -0.23 -5.40
CA GLY A 330 -11.81 -1.52 -6.06
C GLY A 330 -12.71 -2.32 -5.11
N PHE A 331 -12.10 -2.74 -4.00
CA PHE A 331 -12.77 -3.45 -2.90
C PHE A 331 -13.91 -2.61 -2.33
N ARG A 332 -13.62 -1.35 -2.05
CA ARG A 332 -14.57 -0.41 -1.45
C ARG A 332 -15.86 -0.31 -2.28
N GLU A 333 -15.70 -0.22 -3.59
CA GLU A 333 -16.83 -0.11 -4.52
C GLU A 333 -17.70 -1.36 -4.48
N GLN A 334 -17.06 -2.53 -4.48
CA GLN A 334 -17.77 -3.81 -4.48
C GLN A 334 -18.54 -4.06 -3.18
N VAL A 335 -17.91 -3.75 -2.05
CA VAL A 335 -18.54 -3.86 -0.73
C VAL A 335 -19.78 -2.98 -0.60
N ALA A 336 -19.68 -1.74 -1.08
CA ALA A 336 -20.80 -0.80 -1.05
C ALA A 336 -22.03 -1.32 -1.83
N ALA A 337 -21.80 -1.81 -3.05
CA ALA A 337 -22.86 -2.36 -3.90
C ALA A 337 -23.51 -3.57 -3.24
N TRP A 338 -22.69 -4.37 -2.57
CA TRP A 338 -23.14 -5.53 -1.82
C TRP A 338 -24.01 -5.11 -0.63
N LEU A 339 -23.56 -4.10 0.11
CA LEU A 339 -24.33 -3.56 1.23
C LEU A 339 -25.68 -3.01 0.76
N GLU A 340 -25.67 -2.37 -0.41
CA GLU A 340 -26.88 -1.85 -1.04
C GLU A 340 -27.91 -2.97 -1.24
N LYS A 341 -27.42 -4.16 -1.62
CA LYS A 341 -28.28 -5.32 -1.82
C LYS A 341 -28.83 -5.82 -0.48
N LEU A 342 -28.01 -5.76 0.56
CA LEU A 342 -28.41 -6.16 1.92
C LEU A 342 -29.49 -5.25 2.51
N SER A 343 -29.44 -3.96 2.19
CA SER A 343 -30.43 -3.02 2.68
C SER A 343 -31.80 -3.21 2.02
N ALA A 344 -31.82 -3.86 0.86
CA ALA A 344 -33.03 -4.09 0.09
C ALA A 344 -33.83 -5.33 0.55
N SER A 345 -33.12 -6.36 0.99
CA SER A 345 -33.76 -7.61 1.42
C SER A 345 -33.59 -7.87 2.91
N ALA A 346 -34.67 -8.31 3.55
CA ALA A 346 -34.63 -8.70 4.97
C ALA A 346 -33.96 -10.07 5.16
N GLU A 347 -34.28 -11.00 4.27
CA GLU A 347 -33.73 -12.36 4.33
C GLU A 347 -32.21 -12.41 4.11
N LEU A 348 -31.73 -11.63 3.13
CA LEU A 348 -30.31 -11.55 2.82
C LEU A 348 -29.55 -10.94 4.00
N ARG A 349 -30.13 -9.90 4.59
CA ARG A 349 -29.59 -9.22 5.77
C ARG A 349 -29.45 -10.19 6.95
N GLN A 350 -30.55 -10.86 7.30
CA GLN A 350 -30.59 -11.75 8.45
C GLN A 350 -29.65 -12.95 8.31
N GLN A 351 -29.53 -13.48 7.09
CA GLN A 351 -28.65 -14.62 6.84
C GLN A 351 -27.18 -14.23 6.85
N SER A 352 -26.89 -12.99 6.45
CA SER A 352 -25.53 -12.47 6.43
C SER A 352 -25.00 -12.23 7.85
N PHE A 353 -25.87 -11.74 8.72
CA PHE A 353 -25.52 -11.46 10.12
C PHE A 353 -25.10 -12.74 10.86
N ALA A 354 -25.77 -13.84 10.57
CA ALA A 354 -25.48 -15.14 11.18
C ALA A 354 -24.18 -15.74 10.64
N VAL A 355 -23.87 -15.45 9.38
CA VAL A 355 -22.60 -15.85 8.78
C VAL A 355 -21.42 -15.13 9.48
N ALA A 356 -21.62 -13.86 9.79
CA ALA A 356 -20.68 -13.08 10.60
C ALA A 356 -20.55 -13.65 12.02
N ALA A 357 -21.67 -14.07 12.61
CA ALA A 357 -21.71 -14.60 13.97
C ALA A 357 -21.03 -15.96 14.12
N ASP A 358 -21.30 -16.87 13.18
CA ASP A 358 -20.79 -18.24 13.25
C ASP A 358 -19.29 -18.31 12.99
N ALA A 359 -18.78 -17.30 12.30
CA ALA A 359 -17.35 -17.17 12.00
C ALA A 359 -16.70 -16.11 12.90
N THR A 360 -16.93 -16.23 14.20
CA THR A 360 -16.37 -15.30 15.18
C THR A 360 -15.54 -16.03 16.24
N GLU A 361 -15.73 -17.35 16.33
CA GLU A 361 -15.06 -18.17 17.34
C GLU A 361 -13.54 -18.18 17.18
N SER A 362 -13.07 -18.52 15.97
CA SER A 362 -11.64 -18.50 15.66
C SER A 362 -11.39 -18.02 14.24
N CYS A 363 -12.39 -17.35 13.67
CA CYS A 363 -12.32 -16.89 12.29
C CYS A 363 -12.07 -15.37 12.23
N GLU A 364 -11.69 -14.80 13.37
CA GLU A 364 -11.50 -13.35 13.52
C GLU A 364 -10.22 -12.82 12.86
N ASP A 365 -9.30 -13.73 12.53
CA ASP A 365 -8.07 -13.38 11.81
C ASP A 365 -8.15 -13.89 10.36
N ARG A 366 -9.37 -13.97 9.85
CA ARG A 366 -9.63 -14.56 8.55
C ARG A 366 -10.90 -13.99 7.91
N VAL A 367 -11.00 -12.66 7.90
CA VAL A 367 -12.11 -11.96 7.25
C VAL A 367 -12.22 -12.31 5.76
N ALA A 368 -11.10 -12.77 5.19
CA ALA A 368 -11.03 -13.22 3.82
C ALA A 368 -12.03 -14.33 3.56
N LEU A 369 -12.02 -15.33 4.45
CA LEU A 369 -12.96 -16.45 4.37
C LEU A 369 -14.39 -15.98 4.60
N THR A 370 -14.60 -15.19 5.65
CA THR A 370 -15.92 -14.67 5.99
C THR A 370 -16.52 -13.90 4.82
N TRP A 371 -15.70 -13.04 4.20
CA TRP A 371 -16.11 -12.28 3.01
C TRP A 371 -16.45 -13.20 1.84
N ASN A 372 -15.62 -14.22 1.63
CA ASN A 372 -15.86 -15.23 0.60
C ASN A 372 -17.17 -15.97 0.85
N ASN A 373 -17.51 -16.15 2.12
CA ASN A 373 -18.78 -16.77 2.50
C ASN A 373 -19.97 -15.83 2.39
N LEU A 374 -19.72 -14.53 2.53
CA LEU A 374 -20.77 -13.55 2.36
C LEU A 374 -21.12 -13.36 0.89
N ARG A 375 -20.15 -13.55 0.01
CA ARG A 375 -20.42 -13.60 -1.43
C ARG A 375 -21.19 -14.86 -1.78
N LYS A 376 -20.86 -15.97 -1.12
CA LYS A 376 -21.60 -17.22 -1.29
C LYS A 376 -23.06 -16.99 -0.95
N THR A 377 -23.30 -16.34 0.19
CA THR A 377 -24.65 -16.05 0.67
C THR A 377 -25.42 -15.16 -0.32
N LEU A 378 -24.73 -14.19 -0.92
CA LEU A 378 -25.32 -13.38 -1.98
C LEU A 378 -25.67 -14.23 -3.20
N LEU A 379 -24.75 -15.09 -3.61
CA LEU A 379 -24.97 -16.00 -4.73
C LEU A 379 -26.14 -16.97 -4.50
N VAL A 380 -26.21 -17.54 -3.29
CA VAL A 380 -27.30 -18.45 -2.93
C VAL A 380 -28.65 -17.72 -3.03
N HIS A 381 -28.72 -16.54 -2.41
CA HIS A 381 -29.91 -15.70 -2.44
C HIS A 381 -30.35 -15.35 -3.87
N GLN A 382 -29.39 -15.00 -4.71
CA GLN A 382 -29.64 -14.66 -6.11
C GLN A 382 -30.13 -15.85 -6.92
N ALA A 383 -29.51 -17.01 -6.68
CA ALA A 383 -29.87 -18.24 -7.39
C ALA A 383 -31.33 -18.62 -7.11
N SER A 384 -31.71 -18.61 -5.84
CA SER A 384 -33.06 -19.02 -5.40
C SER A 384 -34.14 -18.10 -5.97
N GLU A 385 -33.73 -16.95 -6.46
CA GLU A 385 -34.64 -16.02 -7.14
C GLU A 385 -34.39 -16.02 -8.66
N GLY A 386 -33.99 -17.18 -9.17
CA GLY A 386 -33.94 -17.47 -10.61
C GLY A 386 -32.91 -16.81 -11.49
N LEU A 387 -31.80 -16.36 -10.91
CA LEU A 387 -30.77 -15.66 -11.66
C LEU A 387 -30.06 -16.55 -12.70
N PHE A 388 -30.27 -17.86 -12.63
CA PHE A 388 -29.55 -18.80 -13.49
C PHE A 388 -30.42 -19.80 -14.26
N ASP A 389 -31.13 -19.31 -15.28
CA ASP A 389 -31.84 -20.14 -16.26
C ASP A 389 -32.34 -19.32 -17.46
N ASN A 390 -32.01 -19.73 -18.69
CA ASN A 390 -31.08 -20.83 -18.95
C ASN A 390 -29.65 -20.33 -18.94
N ASP A 391 -28.99 -20.55 -17.81
CA ASP A 391 -27.59 -20.17 -17.64
C ASP A 391 -26.91 -21.09 -16.65
N THR A 392 -27.09 -22.39 -16.88
CA THR A 392 -26.41 -23.43 -16.11
C THR A 392 -24.92 -23.45 -16.48
N GLY A 393 -24.60 -22.99 -17.69
CA GLY A 393 -23.22 -22.83 -18.14
C GLY A 393 -22.54 -21.62 -17.53
N ALA A 394 -23.29 -20.54 -17.36
CA ALA A 394 -22.79 -19.33 -16.72
C ALA A 394 -22.56 -19.59 -15.24
N LEU A 395 -23.47 -20.35 -14.63
CA LEU A 395 -23.36 -20.73 -13.23
C LEU A 395 -22.17 -21.66 -13.04
N LEU A 396 -21.87 -22.44 -14.07
CA LEU A 396 -20.73 -23.34 -14.07
C LEU A 396 -19.42 -22.56 -14.15
N SER A 397 -19.37 -21.57 -15.06
CA SER A 397 -18.21 -20.68 -15.18
C SER A 397 -17.92 -19.95 -13.87
N LEU A 398 -18.96 -19.40 -13.26
CA LEU A 398 -18.85 -18.67 -12.00
C LEU A 398 -18.38 -19.60 -10.89
N GLY A 399 -18.89 -20.84 -10.90
CA GLY A 399 -18.45 -21.87 -9.97
C GLY A 399 -16.95 -22.08 -10.03
N ARG A 400 -16.43 -22.22 -11.25
CA ARG A 400 -15.00 -22.37 -11.48
C ARG A 400 -14.26 -21.19 -10.89
N GLU A 401 -14.81 -20.00 -11.06
CA GLU A 401 -14.20 -18.78 -10.53
C GLU A 401 -14.18 -18.76 -9.00
N MSE A 402 -15.29 -19.14 -8.39
CA MSE A 402 -15.41 -19.14 -6.94
C MSE A 402 -14.46 -20.14 -6.31
O MSE A 402 -13.81 -19.85 -5.30
CB MSE A 402 -16.86 -19.44 -6.49
CG MSE A 402 -17.86 -18.38 -6.95
SE MSE A 402 -17.23 -16.56 -6.56
CE MSE A 402 -17.50 -16.61 -4.61
N PHE A 403 -14.36 -21.31 -6.93
CA PHE A 403 -13.53 -22.39 -6.43
C PHE A 403 -12.06 -22.01 -6.54
N ARG A 404 -11.70 -21.36 -7.64
CA ARG A 404 -10.34 -20.84 -7.82
C ARG A 404 -9.98 -19.88 -6.71
N LEU A 405 -10.90 -18.98 -6.37
CA LEU A 405 -10.68 -18.03 -5.29
C LEU A 405 -10.62 -18.72 -3.93
N GLU A 406 -11.39 -19.79 -3.78
CA GLU A 406 -11.41 -20.56 -2.56
C GLU A 406 -10.08 -21.27 -2.35
N ILE A 407 -9.51 -21.77 -3.45
CA ILE A 407 -8.20 -22.43 -3.39
C ILE A 407 -7.13 -21.40 -3.01
N LEU A 408 -7.19 -20.22 -3.63
CA LEU A 408 -6.23 -19.15 -3.32
C LEU A 408 -6.35 -18.69 -1.87
N GLU A 409 -7.57 -18.65 -1.34
CA GLU A 409 -7.78 -18.37 0.08
C GLU A 409 -7.13 -19.44 0.99
N ASP A 410 -7.29 -20.72 0.66
CA ASP A 410 -6.61 -21.80 1.38
C ASP A 410 -5.11 -21.53 1.43
N ILE A 411 -4.53 -21.23 0.26
CA ILE A 411 -3.11 -20.96 0.11
C ILE A 411 -2.67 -19.76 0.96
N ALA A 412 -3.44 -18.68 0.90
CA ALA A 412 -3.20 -17.49 1.71
C ALA A 412 -3.22 -17.81 3.20
N ARG A 413 -4.24 -18.54 3.66
CA ARG A 413 -4.37 -18.92 5.06
C ARG A 413 -3.21 -19.80 5.51
N ASP A 414 -2.76 -20.66 4.62
CA ASP A 414 -1.66 -21.56 4.92
C ASP A 414 -0.38 -20.78 5.20
N LYS A 415 -0.07 -19.84 4.32
CA LYS A 415 1.13 -19.01 4.43
C LYS A 415 1.11 -18.09 5.63
N VAL A 416 -0.06 -17.63 6.02
CA VAL A 416 -0.17 -16.61 7.05
C VAL A 416 -0.44 -17.19 8.46
N ARG A 417 -0.92 -18.44 8.49
CA ARG A 417 -1.42 -19.12 9.70
C ARG A 417 -0.44 -19.04 10.88
N THR A 418 0.86 -19.00 10.57
CA THR A 418 1.89 -18.92 11.60
C THR A 418 2.44 -17.50 11.74
N LEU A 419 2.36 -16.73 10.66
CA LEU A 419 2.89 -15.36 10.60
C LEU A 419 2.05 -14.36 11.39
N HIS A 420 2.73 -13.48 12.11
CA HIS A 420 2.07 -12.55 13.03
C HIS A 420 2.00 -11.10 12.49
N PHE A 421 2.87 -10.76 11.55
CA PHE A 421 3.02 -9.37 11.11
C PHE A 421 2.38 -9.05 9.76
N VAL A 422 1.57 -9.98 9.23
CA VAL A 422 0.86 -9.79 7.97
C VAL A 422 -0.54 -10.37 8.10
N ASP A 423 -1.53 -9.69 7.55
CA ASP A 423 -2.89 -10.20 7.49
C ASP A 423 -3.06 -11.04 6.25
N GLU A 424 -3.91 -12.06 6.34
CA GLU A 424 -4.24 -12.92 5.22
C GLU A 424 -4.67 -12.13 3.97
N ILE A 425 -5.53 -11.13 4.18
CA ILE A 425 -6.03 -10.26 3.11
C ILE A 425 -4.91 -9.66 2.25
N GLU A 426 -3.81 -9.28 2.90
CA GLU A 426 -2.62 -8.80 2.19
C GLU A 426 -2.13 -9.82 1.18
N VAL A 427 -1.97 -11.06 1.63
CA VAL A 427 -1.47 -12.14 0.80
C VAL A 427 -2.51 -12.53 -0.25
N TYR A 428 -3.77 -12.56 0.18
CA TYR A 428 -4.88 -12.99 -0.67
C TYR A 428 -5.13 -12.03 -1.82
N LEU A 429 -5.08 -10.74 -1.53
CA LEU A 429 -5.20 -9.71 -2.59
C LEU A 429 -3.98 -9.69 -3.51
N ALA A 430 -2.80 -9.91 -2.95
CA ALA A 430 -1.58 -10.03 -3.74
C ALA A 430 -1.72 -11.14 -4.79
N PHE A 431 -2.10 -12.35 -4.36
CA PHE A 431 -2.36 -13.45 -5.29
C PHE A 431 -3.39 -13.04 -6.34
N GLN A 432 -4.48 -12.46 -5.87
CA GLN A 432 -5.56 -12.05 -6.74
C GLN A 432 -5.10 -11.12 -7.85
N THR A 433 -4.37 -10.06 -7.50
CA THR A 433 -3.99 -9.06 -8.49
C THR A 433 -2.93 -9.57 -9.46
N MSE A 434 -2.09 -10.49 -8.99
CA MSE A 434 -1.03 -11.03 -9.82
C MSE A 434 -1.49 -12.21 -10.67
O MSE A 434 -0.90 -12.50 -11.70
CB MSE A 434 0.17 -11.43 -8.96
CG MSE A 434 1.03 -10.27 -8.43
SE MSE A 434 2.08 -9.37 -9.82
CE MSE A 434 0.88 -7.87 -10.16
N LEU A 435 -2.57 -12.87 -10.25
CA LEU A 435 -3.01 -14.09 -10.91
C LEU A 435 -4.36 -14.03 -11.62
N ALA A 436 -5.09 -12.94 -11.47
CA ALA A 436 -6.42 -12.81 -12.08
C ALA A 436 -6.41 -13.06 -13.60
N GLU A 437 -5.45 -12.46 -14.30
CA GLU A 437 -5.36 -12.62 -15.75
C GLU A 437 -5.10 -14.07 -16.17
N LYS A 438 -4.06 -14.68 -15.61
CA LYS A 438 -3.71 -16.05 -15.93
C LYS A 438 -4.78 -17.06 -15.48
N LEU A 439 -5.33 -16.87 -14.29
CA LEU A 439 -6.36 -17.76 -13.77
C LEU A 439 -7.77 -17.24 -14.09
N GLN A 440 -7.83 -16.25 -15.01
CA GLN A 440 -9.10 -15.70 -15.56
C GLN A 440 -10.19 -15.36 -14.55
N LEU A 441 -9.83 -14.62 -13.50
CA LEU A 441 -10.75 -14.31 -12.41
C LEU A 441 -11.42 -12.96 -12.60
N SER A 442 -12.57 -12.97 -13.28
CA SER A 442 -13.28 -11.73 -13.60
C SER A 442 -13.75 -10.96 -12.36
N THR A 443 -14.28 -11.66 -11.36
CA THR A 443 -14.87 -11.00 -10.18
C THR A 443 -13.84 -10.67 -9.12
N ALA A 444 -12.57 -10.93 -9.42
CA ALA A 444 -11.50 -10.64 -8.48
C ALA A 444 -11.25 -9.14 -8.32
N VAL A 445 -10.97 -8.74 -7.08
CA VAL A 445 -10.49 -7.41 -6.75
C VAL A 445 -9.03 -7.29 -7.18
N LYS A 446 -8.74 -6.35 -8.08
CA LYS A 446 -7.38 -6.18 -8.59
C LYS A 446 -6.77 -4.91 -8.05
N GLU A 447 -6.13 -5.01 -6.89
CA GLU A 447 -5.43 -3.88 -6.30
C GLU A 447 -4.30 -3.44 -7.23
N MSE A 448 -4.14 -2.13 -7.38
CA MSE A 448 -3.06 -1.57 -8.21
C MSE A 448 -1.78 -1.37 -7.40
O MSE A 448 -0.70 -1.20 -7.96
CB MSE A 448 -3.50 -0.23 -8.78
CG MSE A 448 -4.64 -0.27 -9.77
SE MSE A 448 -5.28 1.56 -10.04
CE MSE A 448 -3.62 2.44 -10.65
N ARG A 449 -1.93 -1.38 -6.08
CA ARG A 449 -0.82 -1.17 -5.17
C ARG A 449 -0.87 -2.22 -4.08
N PHE A 450 0.14 -2.19 -3.21
CA PHE A 450 0.19 -3.01 -1.99
C PHE A 450 0.46 -4.50 -2.20
N TYR A 451 0.69 -4.91 -3.44
CA TYR A 451 0.96 -6.32 -3.72
C TYR A 451 2.43 -6.72 -3.52
N GLY A 452 3.27 -5.74 -3.15
CA GLY A 452 4.68 -6.03 -2.88
C GLY A 452 4.93 -6.58 -1.50
N VAL A 453 4.24 -7.68 -1.16
CA VAL A 453 4.25 -8.25 0.18
C VAL A 453 5.55 -8.96 0.53
N SER A 454 6.03 -8.74 1.76
CA SER A 454 7.21 -9.41 2.31
C SER A 454 7.00 -10.91 2.40
N GLY A 455 7.95 -11.67 1.86
CA GLY A 455 7.91 -13.12 1.97
C GLY A 455 7.01 -13.83 0.99
N VAL A 456 6.25 -13.09 0.18
CA VAL A 456 5.60 -13.67 -0.99
C VAL A 456 6.59 -13.55 -2.13
N THR A 457 7.05 -14.69 -2.66
CA THR A 457 8.04 -14.65 -3.74
C THR A 457 7.39 -14.91 -5.10
N ALA A 458 8.16 -14.74 -6.17
CA ALA A 458 7.67 -15.10 -7.50
C ALA A 458 7.32 -16.58 -7.54
N ASN A 459 8.13 -17.40 -6.87
CA ASN A 459 7.88 -18.83 -6.82
C ASN A 459 6.56 -19.20 -6.15
N ASP A 460 6.19 -18.48 -5.09
CA ASP A 460 4.90 -18.65 -4.45
C ASP A 460 3.76 -18.42 -5.44
N LEU A 461 3.86 -17.31 -6.19
CA LEU A 461 2.88 -16.95 -7.21
C LEU A 461 2.66 -18.07 -8.21
N ARG A 462 3.74 -18.54 -8.83
CA ARG A 462 3.69 -19.63 -9.81
C ARG A 462 3.16 -20.92 -9.18
N THR A 463 3.70 -21.32 -8.03
CA THR A 463 3.25 -22.51 -7.30
C THR A 463 1.74 -22.41 -7.07
N ALA A 464 1.27 -21.25 -6.64
CA ALA A 464 -0.16 -21.04 -6.45
C ALA A 464 -0.95 -21.30 -7.74
N GLU A 465 -0.55 -20.68 -8.86
CA GLU A 465 -1.27 -20.87 -10.12
C GLU A 465 -1.39 -22.34 -10.48
N ALA A 466 -0.27 -23.04 -10.47
CA ALA A 466 -0.24 -24.47 -10.76
C ALA A 466 -1.11 -25.22 -9.75
N MSE A 467 -1.01 -24.85 -8.48
CA MSE A 467 -1.80 -25.46 -7.41
C MSE A 467 -3.30 -25.33 -7.72
O MSE A 467 -4.04 -26.29 -7.56
CB MSE A 467 -1.45 -24.83 -6.06
CG MSE A 467 -2.46 -25.10 -4.95
SE MSE A 467 -1.84 -26.46 -3.71
CE MSE A 467 -0.81 -25.32 -2.51
N VAL A 468 -3.71 -24.15 -8.17
CA VAL A 468 -5.10 -23.93 -8.53
C VAL A 468 -5.52 -24.86 -9.68
N ARG A 469 -4.64 -25.03 -10.67
CA ARG A 469 -4.98 -25.88 -11.83
C ARG A 469 -5.20 -27.35 -11.51
N SER A 470 -4.19 -28.00 -10.93
CA SER A 470 -4.29 -29.43 -10.61
C SER A 470 -5.38 -29.72 -9.61
N ARG A 471 -5.46 -28.88 -8.58
CA ARG A 471 -6.48 -29.01 -7.56
C ARG A 471 -7.89 -28.86 -8.15
N GLU A 472 -8.05 -27.93 -9.09
CA GLU A 472 -9.27 -27.76 -9.86
C GLU A 472 -9.54 -29.02 -10.68
N GLU A 473 -8.51 -29.47 -11.40
CA GLU A 473 -8.60 -30.66 -12.27
C GLU A 473 -9.05 -31.90 -11.48
N ASN A 474 -8.85 -31.88 -10.16
CA ASN A 474 -9.14 -33.01 -9.32
C ASN A 474 -10.41 -32.93 -8.49
N GLU A 475 -10.83 -31.72 -8.13
CA GLU A 475 -11.88 -31.56 -7.11
C GLU A 475 -13.10 -30.75 -7.50
N PHE A 476 -13.04 -30.01 -8.60
CA PHE A 476 -14.13 -29.10 -9.00
C PHE A 476 -15.51 -29.76 -9.08
N THR A 477 -15.67 -30.73 -9.99
CA THR A 477 -16.94 -31.45 -10.17
C THR A 477 -17.58 -31.89 -8.86
N ASP A 478 -16.76 -32.47 -7.98
CA ASP A 478 -17.22 -32.85 -6.64
C ASP A 478 -17.60 -31.63 -5.79
N TRP A 479 -16.73 -30.62 -5.77
CA TRP A 479 -16.98 -29.35 -5.06
C TRP A 479 -18.26 -28.67 -5.53
N PHE A 480 -18.49 -28.69 -6.85
CA PHE A 480 -19.66 -28.04 -7.44
C PHE A 480 -20.96 -28.73 -7.05
N SER A 481 -20.93 -30.05 -7.01
CA SER A 481 -22.09 -30.86 -6.63
C SER A 481 -22.53 -30.60 -5.18
N LEU A 482 -21.65 -29.96 -4.40
CA LEU A 482 -21.93 -29.63 -2.99
C LEU A 482 -22.13 -28.13 -2.79
N TRP A 483 -22.01 -27.37 -3.88
CA TRP A 483 -22.01 -25.92 -3.82
C TRP A 483 -23.40 -25.36 -3.56
N GLY A 484 -23.49 -24.48 -2.57
CA GLY A 484 -24.73 -23.82 -2.17
C GLY A 484 -25.63 -23.35 -3.31
N PRO A 485 -25.15 -22.39 -4.12
CA PRO A 485 -25.96 -21.83 -5.21
C PRO A 485 -26.44 -22.87 -6.22
N TRP A 486 -25.64 -23.90 -6.46
CA TRP A 486 -26.04 -25.00 -7.32
C TRP A 486 -27.27 -25.69 -6.76
N HIS A 487 -27.27 -25.92 -5.44
CA HIS A 487 -28.37 -26.56 -4.74
C HIS A 487 -29.65 -25.72 -4.77
N ALA A 488 -29.48 -24.39 -4.71
CA ALA A 488 -30.59 -23.45 -4.85
C ALA A 488 -31.23 -23.56 -6.22
N VAL A 489 -30.41 -23.74 -7.25
CA VAL A 489 -30.90 -23.96 -8.61
C VAL A 489 -31.63 -25.30 -8.70
N LEU A 490 -31.04 -26.33 -8.09
CA LEU A 490 -31.61 -27.68 -8.07
C LEU A 490 -32.92 -27.76 -7.29
N LYS A 491 -33.06 -26.92 -6.25
CA LYS A 491 -34.30 -26.84 -5.49
C LYS A 491 -35.39 -26.07 -6.25
N ARG A 492 -34.98 -25.00 -6.93
CA ARG A 492 -35.91 -24.11 -7.60
C ARG A 492 -36.45 -24.69 -8.91
N THR A 493 -35.58 -25.38 -9.65
CA THR A 493 -35.91 -25.79 -11.02
C THR A 493 -36.06 -27.29 -11.23
N GLU A 494 -35.25 -28.07 -10.53
CA GLU A 494 -35.29 -29.53 -10.67
C GLU A 494 -35.76 -30.22 -9.39
N ALA A 495 -36.75 -29.61 -8.73
CA ALA A 495 -37.29 -30.12 -7.46
C ALA A 495 -37.77 -31.57 -7.55
N ASP A 496 -37.94 -32.06 -8.78
CA ASP A 496 -38.34 -33.44 -9.04
C ASP A 496 -37.25 -34.42 -8.65
N ARG A 497 -36.05 -34.24 -9.20
CA ARG A 497 -34.91 -35.11 -8.90
C ARG A 497 -34.36 -34.83 -7.50
N TRP A 498 -34.54 -33.61 -7.03
CA TRP A 498 -34.05 -33.16 -5.71
C TRP A 498 -34.69 -33.91 -4.56
N ALA A 499 -36.03 -33.86 -4.50
CA ALA A 499 -36.79 -34.57 -3.46
C ALA A 499 -36.56 -36.07 -3.52
N LEU A 500 -36.35 -36.60 -4.73
CA LEU A 500 -36.04 -38.01 -4.94
C LEU A 500 -34.67 -38.37 -4.38
N ALA A 501 -33.70 -37.48 -4.55
CA ALA A 501 -32.34 -37.70 -4.04
C ALA A 501 -32.24 -37.48 -2.53
N GLU A 502 -33.13 -36.64 -1.99
CA GLU A 502 -33.24 -36.43 -0.54
C GLU A 502 -33.77 -37.69 0.14
N GLU A 503 -34.72 -38.35 -0.51
CA GLU A 503 -35.26 -39.61 -0.03
C GLU A 503 -34.26 -40.76 -0.22
N GLN A 504 -33.47 -40.67 -1.29
CA GLN A 504 -32.45 -41.68 -1.61
C GLN A 504 -31.39 -41.81 -0.52
N LYS A 505 -31.25 -40.74 0.27
CA LYS A 505 -30.39 -40.74 1.46
C LYS A 505 -31.18 -41.19 2.69
N TYR A 506 -30.93 -42.43 3.12
CA TYR A 506 -31.63 -43.03 4.25
C TYR A 506 -30.69 -43.93 5.05
N MSE A 541 -20.82 -39.00 9.17
CA MSE A 541 -20.02 -38.71 7.99
C MSE A 541 -20.79 -37.93 6.92
O MSE A 541 -22.04 -37.93 6.91
CB MSE A 541 -19.45 -40.01 7.41
N ARG A 542 -20.06 -37.25 6.04
CA ARG A 542 -20.63 -36.50 4.92
C ARG A 542 -20.49 -37.29 3.60
N GLU A 543 -19.62 -38.31 3.60
CA GLU A 543 -19.30 -39.10 2.42
C GLU A 543 -20.49 -39.52 1.56
N THR A 544 -21.62 -39.80 2.19
CA THR A 544 -22.82 -40.24 1.49
C THR A 544 -23.46 -39.10 0.69
N GLU A 545 -23.51 -37.91 1.29
CA GLU A 545 -24.03 -36.72 0.61
C GLU A 545 -23.26 -36.45 -0.68
N GLN A 546 -21.93 -36.55 -0.59
CA GLN A 546 -21.05 -36.41 -1.75
C GLN A 546 -21.45 -37.36 -2.87
N GLN A 547 -21.57 -38.64 -2.55
CA GLN A 547 -21.91 -39.68 -3.53
C GLN A 547 -23.30 -39.46 -4.14
N ILE A 548 -24.24 -39.03 -3.31
CA ILE A 548 -25.63 -38.79 -3.76
C ILE A 548 -25.77 -37.55 -4.64
N TYR A 549 -25.08 -36.47 -4.28
CA TYR A 549 -25.17 -35.21 -5.02
C TYR A 549 -24.34 -35.21 -6.31
N ARG A 550 -23.23 -35.94 -6.31
CA ARG A 550 -22.42 -36.14 -7.51
C ARG A 550 -23.23 -36.87 -8.57
N GLN A 551 -23.97 -37.89 -8.12
CA GLN A 551 -24.92 -38.62 -8.95
C GLN A 551 -25.96 -37.66 -9.55
N LEU A 552 -26.59 -36.87 -8.67
CA LEU A 552 -27.60 -35.90 -9.08
C LEU A 552 -27.07 -34.85 -10.07
N THR A 553 -25.83 -34.40 -9.85
CA THR A 553 -25.21 -33.38 -10.71
C THR A 553 -24.93 -33.91 -12.10
N ASP A 554 -24.17 -35.00 -12.19
CA ASP A 554 -23.83 -35.62 -13.47
C ASP A 554 -25.07 -36.02 -14.27
N GLU A 555 -26.20 -36.19 -13.57
CA GLU A 555 -27.48 -36.40 -14.23
C GLU A 555 -27.94 -35.11 -14.93
N VAL A 556 -28.16 -34.06 -14.15
CA VAL A 556 -28.68 -32.79 -14.67
C VAL A 556 -27.70 -32.11 -15.64
N LEU A 557 -26.41 -32.34 -15.44
CA LEU A 557 -25.36 -31.78 -16.31
C LEU A 557 -25.45 -32.31 -17.75
N ALA A 558 -25.97 -33.52 -17.90
CA ALA A 558 -26.18 -34.12 -19.22
C ALA A 558 -27.32 -33.45 -20.00
N LEU A 559 -28.37 -33.03 -19.29
CA LEU A 559 -29.49 -32.32 -19.89
C LEU A 559 -29.06 -31.01 -20.55
N ARG A 560 -28.39 -30.13 -19.79
CA ARG A 560 -27.79 -28.93 -20.37
C ARG A 560 -26.46 -29.31 -21.02
N LEU A 561 -26.54 -29.72 -22.28
CA LEU A 561 -25.37 -30.18 -23.04
C LEU A 561 -24.84 -29.08 -23.96
#